data_8K0P
#
_entry.id   8K0P
#
_cell.length_a   1.00
_cell.length_b   1.00
_cell.length_c   1.00
_cell.angle_alpha   90.00
_cell.angle_beta   90.00
_cell.angle_gamma   90.00
#
_symmetry.space_group_name_H-M   'P 1'
#
loop_
_entity.id
_entity.type
_entity.pdbx_description
1 polymer 'RNA (542-MER)'
2 non-polymer 'MAGNESIUM ION'
#
_entity_poly.entity_id   1
_entity_poly.type   'polyribonucleotide'
_entity_poly.pdbx_seq_one_letter_code
;GUGCGCUCGGCAUGGGUGCAAUCUCUAGGGUGAAAGUCCCGAACUGCGAAGGCAGAAGUAGCAGUUAGCUUAACGCAAGG
GUGUCCGUGGUGACGCGGAAUCUGAAGGAAGCGGGCGGCAAACUUCCGGUCUGAGGAACACGAACUUCAUAUAAGGCUAG
GUAUCAUUGGAUGAGUUUGCAAGACAAAACAAAGUCCUUUCUGCCGAAGGUGAUACAGAGUAAAUGAAGCAGAUAGAUGG
AAGGAAAGAUUGUACUCUUACCCGAGGAGGUCUGAUGGAUACGUGAAGUGCGCUUCAUAACCUACUUAGUGAUAAGUAAC
UGAACCAUCAGAAGUCAGCAGAGGUCAUAGUACGAAUCGGUCUAGAACGAUUCGGAAGGACUGAACAAUCAAGAGAAAAU
AGCCCUUGGCAUUCAGUACGUCAUGAUGAACACAGAAAACAUGGUACCUCCCAAGAGAAAGGAAACGGUGAAUCCCGUGG
GAAUCUUUUGGAGGGUGGAGUGACGACUGGCAUAAGAAGAUCAGCUAUUUACGGAAGGAAGCUUGCGUCAUUAUCUUGAU
UGAACCGCCGUAUACGGAACCGUACGUACGGUGGUGUGAGAGGACGGAGGUUAAUCACCUCCUCCUACUCGAU
;
_entity_poly.pdbx_strand_id   A,C
#